data_4HCD
#
_entry.id   4HCD
#
_cell.length_a   118.733
_cell.length_b   118.733
_cell.length_c   133.199
_cell.angle_alpha   90.00
_cell.angle_beta   90.00
_cell.angle_gamma   90.00
#
_symmetry.space_group_name_H-M   'I 4 2 2'
#
loop_
_entity.id
_entity.type
_entity.pdbx_description
1 polymer 'Isomerase/lactonizing enzyme'
2 non-polymer 'CHLORIDE ION'
3 non-polymer 'MAGNESIUM ION'
4 non-polymer 'SODIUM ION'
5 water water
#
_entity_poly.entity_id   1
_entity_poly.type   'polypeptide(L)'
_entity_poly.pdbx_seq_one_letter_code
;(MSE)GSSHHHHHHSSGLVPRGSH(MSE)IITDVEVRVFRTTTRRHSDSAGHAHPGPAHQVEQA(MSE)LTVRTEDGQEG
HSFTAPEIVRPHVIEKFVKKVLIGEDHRDRERLWQDLAHWQRGSAAQLTDRTLAVVDCALWDLAGRSLGQPVYKLIGGYR
DKVLAYGSI(MSE)CGDELEGGLATPEDYGRFAETLVKRGYKGIKLHTW(MSE)PPVSWAPDVK(MSE)DLKACAAVREA
VGPDIRL(MSE)IDAFHWYSRTDALALGRGLEKLGFDWIEEP(MSE)DEQSLSSYKWLSDNLDIPVVGPESAAGKHWHRA
EWIKAGACDILRTGVNDVGGITPALKT(MSE)HLAEAFG(MSE)ECEVHGNTA(MSE)NLHVVAATKNCRWYERGLLHPF
LEYDDGHDYLKSLSDP(MSE)DRDGFVHVPDRPGLGEDIDFTFIDNNRVR
;
_entity_poly.pdbx_strand_id   A
#
loop_
_chem_comp.id
_chem_comp.type
_chem_comp.name
_chem_comp.formula
CL non-polymer 'CHLORIDE ION' 'Cl -1'
MG non-polymer 'MAGNESIUM ION' 'Mg 2'
NA non-polymer 'SODIUM ION' 'Na 1'
#
# COMPACT_ATOMS: atom_id res chain seq x y z
N SER A 19 21.89 10.74 -26.56
CA SER A 19 20.48 10.36 -26.57
C SER A 19 20.25 8.99 -25.93
N HIS A 20 21.25 8.49 -25.22
CA HIS A 20 21.11 7.20 -24.55
C HIS A 20 20.03 7.19 -23.45
N MSE A 21 19.68 8.36 -22.92
N MSE A 21 19.70 8.39 -22.98
CA MSE A 21 18.70 8.41 -21.85
CA MSE A 21 18.74 8.61 -21.89
C MSE A 21 17.28 8.55 -22.37
C MSE A 21 17.30 8.53 -22.38
O MSE A 21 16.32 8.62 -21.59
O MSE A 21 16.37 8.43 -21.57
CB MSE A 21 19.00 9.57 -20.88
CB MSE A 21 18.96 9.99 -21.28
CG MSE A 21 18.73 10.96 -21.46
CG MSE A 21 20.38 10.30 -20.81
SE MSE A 21 19.91 11.45 -22.92
SE MSE A 21 20.78 9.43 -19.11
CE MSE A 21 21.58 11.31 -21.95
CE MSE A 21 22.42 10.31 -18.58
N ILE A 22 17.12 8.60 -23.69
CA ILE A 22 15.79 8.77 -24.30
C ILE A 22 15.00 7.47 -24.28
N ILE A 23 13.73 7.55 -23.87
CA ILE A 23 12.85 6.37 -23.85
C ILE A 23 12.49 5.93 -25.27
N THR A 24 12.68 4.64 -25.57
CA THR A 24 12.37 4.11 -26.90
C THR A 24 11.19 3.15 -26.91
N ASP A 25 10.93 2.49 -25.79
CA ASP A 25 9.85 1.51 -25.75
C ASP A 25 9.11 1.52 -24.42
N VAL A 26 7.82 1.27 -24.48
CA VAL A 26 7.00 1.00 -23.29
C VAL A 26 6.27 -0.31 -23.57
N GLU A 27 6.50 -1.32 -22.73
CA GLU A 27 5.96 -2.65 -23.00
C GLU A 27 5.21 -3.21 -21.79
N VAL A 28 4.17 -3.98 -22.05
CA VAL A 28 3.44 -4.65 -20.99
C VAL A 28 3.48 -6.14 -21.26
N ARG A 29 3.89 -6.90 -20.25
CA ARG A 29 3.89 -8.36 -20.32
C ARG A 29 2.95 -8.89 -19.25
N VAL A 30 1.91 -9.60 -19.68
CA VAL A 30 0.96 -10.21 -18.77
C VAL A 30 1.32 -11.69 -18.58
N PHE A 31 1.34 -12.14 -17.33
CA PHE A 31 1.71 -13.52 -17.05
C PHE A 31 0.86 -14.04 -15.91
N ARG A 32 0.90 -15.36 -15.68
CA ARG A 32 0.14 -15.96 -14.59
C ARG A 32 0.99 -16.24 -13.37
N THR A 33 0.54 -15.74 -12.21
CA THR A 33 1.17 -16.05 -10.94
C THR A 33 0.27 -17.05 -10.16
N THR A 34 0.89 -17.98 -9.45
CA THR A 34 0.14 -18.94 -8.64
C THR A 34 0.05 -18.44 -7.22
N THR A 35 -1.17 -18.29 -6.71
CA THR A 35 -1.35 -17.70 -5.40
C THR A 35 -2.59 -18.25 -4.71
N ARG A 36 -2.64 -18.11 -3.40
CA ARG A 36 -3.86 -18.46 -2.67
C ARG A 36 -4.61 -17.22 -2.24
N ARG A 37 -4.18 -16.07 -2.71
N ARG A 37 -4.20 -16.06 -2.73
CA ARG A 37 -4.90 -14.83 -2.43
CA ARG A 37 -4.92 -14.84 -2.39
C ARG A 37 -6.07 -14.65 -3.40
C ARG A 37 -6.05 -14.59 -3.38
N HIS A 38 -7.25 -14.38 -2.83
CA HIS A 38 -8.43 -14.10 -3.63
C HIS A 38 -8.93 -12.74 -3.16
N SER A 39 -9.84 -12.16 -3.92
CA SER A 39 -10.51 -10.94 -3.46
C SER A 39 -12.00 -11.11 -3.64
N ASP A 40 -12.77 -10.69 -2.65
CA ASP A 40 -14.22 -10.81 -2.72
C ASP A 40 -14.82 -9.74 -3.64
N SER A 41 -16.14 -9.70 -3.73
N SER A 41 -16.14 -9.69 -3.72
CA SER A 41 -16.80 -8.79 -4.66
CA SER A 41 -16.81 -8.80 -4.65
C SER A 41 -16.59 -7.32 -4.32
C SER A 41 -16.62 -7.32 -4.31
N ALA A 42 -16.29 -7.04 -3.05
CA ALA A 42 -16.02 -5.67 -2.62
C ALA A 42 -14.54 -5.33 -2.70
N GLY A 43 -13.74 -6.30 -3.12
CA GLY A 43 -12.31 -6.06 -3.28
C GLY A 43 -11.44 -6.38 -2.07
N HIS A 44 -12.00 -7.07 -1.07
CA HIS A 44 -11.22 -7.40 0.14
C HIS A 44 -10.49 -8.73 -0.02
N ALA A 45 -9.23 -8.79 0.39
CA ALA A 45 -8.42 -10.01 0.21
C ALA A 45 -8.79 -11.10 1.22
N HIS A 46 -8.72 -12.35 0.77
CA HIS A 46 -8.96 -13.52 1.62
C HIS A 46 -8.14 -14.67 1.11
N PRO A 47 -7.83 -15.64 1.99
CA PRO A 47 -7.16 -16.84 1.48
C PRO A 47 -8.20 -17.81 0.91
N GLY A 48 -7.81 -18.51 -0.16
CA GLY A 48 -8.70 -19.47 -0.79
C GLY A 48 -7.87 -20.53 -1.50
N PRO A 49 -8.46 -21.22 -2.46
CA PRO A 49 -7.75 -22.28 -3.19
C PRO A 49 -6.58 -21.71 -3.97
N ALA A 50 -5.53 -22.51 -4.15
CA ALA A 50 -4.45 -22.10 -5.04
C ALA A 50 -5.05 -21.95 -6.44
N HIS A 51 -4.73 -20.83 -7.09
CA HIS A 51 -5.24 -20.59 -8.44
C HIS A 51 -4.28 -19.69 -9.18
N GLN A 52 -4.48 -19.54 -10.49
CA GLN A 52 -3.61 -18.69 -11.29
C GLN A 52 -4.28 -17.34 -11.53
N VAL A 53 -3.55 -16.28 -11.23
CA VAL A 53 -4.06 -14.92 -11.36
C VAL A 53 -3.20 -14.17 -12.38
N GLU A 54 -3.82 -13.42 -13.27
CA GLU A 54 -3.04 -12.65 -14.24
C GLU A 54 -2.41 -11.43 -13.57
N GLN A 55 -1.12 -11.24 -13.84
CA GLN A 55 -0.34 -10.13 -13.30
C GLN A 55 0.31 -9.43 -14.48
N ALA A 56 0.46 -8.11 -14.41
CA ALA A 56 1.13 -7.39 -15.48
C ALA A 56 2.45 -6.75 -15.04
N MSE A 57 3.43 -6.79 -15.93
CA MSE A 57 4.68 -6.07 -15.70
C MSE A 57 4.84 -5.01 -16.78
O MSE A 57 4.80 -5.33 -17.98
CB MSE A 57 5.87 -7.02 -15.70
CG MSE A 57 7.21 -6.33 -15.41
SE MSE A 57 8.76 -7.55 -15.37
CE MSE A 57 8.78 -8.07 -17.26
N LEU A 58 5.00 -3.77 -16.35
CA LEU A 58 5.31 -2.65 -17.24
C LEU A 58 6.82 -2.46 -17.34
N THR A 59 7.35 -2.40 -18.56
CA THR A 59 8.77 -2.14 -18.75
C THR A 59 8.98 -0.88 -19.59
N VAL A 60 9.86 0.01 -19.14
CA VAL A 60 10.27 1.16 -19.91
C VAL A 60 11.73 0.99 -20.30
N ARG A 61 12.05 1.22 -21.58
CA ARG A 61 13.40 0.98 -22.09
C ARG A 61 13.93 2.23 -22.79
N THR A 62 15.22 2.50 -22.60
CA THR A 62 15.86 3.64 -23.25
C THR A 62 16.73 3.22 -24.45
N GLU A 63 17.26 4.21 -25.17
CA GLU A 63 18.06 3.96 -26.38
C GLU A 63 19.25 3.02 -26.13
N ASP A 64 19.86 3.15 -24.96
CA ASP A 64 21.04 2.36 -24.63
C ASP A 64 20.68 0.97 -24.10
N GLY A 65 19.39 0.67 -24.07
CA GLY A 65 18.94 -0.67 -23.72
C GLY A 65 18.66 -0.89 -22.25
N GLN A 66 18.84 0.15 -21.44
CA GLN A 66 18.57 0.04 -20.00
C GLN A 66 17.05 -0.03 -19.77
N GLU A 67 16.64 -0.74 -18.74
CA GLU A 67 15.22 -0.97 -18.51
C GLU A 67 14.85 -0.70 -17.07
N GLY A 68 13.58 -0.34 -16.86
CA GLY A 68 12.99 -0.30 -15.53
C GLY A 68 11.63 -0.98 -15.58
N HIS A 69 11.22 -1.57 -14.47
CA HIS A 69 10.02 -2.38 -14.45
C HIS A 69 9.17 -2.10 -13.22
N SER A 70 7.86 -2.33 -13.34
CA SER A 70 7.00 -2.28 -12.18
C SER A 70 5.79 -3.16 -12.41
N PHE A 71 5.18 -3.65 -11.33
CA PHE A 71 4.07 -4.61 -11.44
C PHE A 71 2.72 -3.99 -11.06
N THR A 72 1.67 -4.40 -11.76
CA THR A 72 0.31 -3.97 -11.43
C THR A 72 -0.70 -4.91 -12.06
N ALA A 73 -2.00 -4.67 -11.82
CA ALA A 73 -3.05 -5.50 -12.38
C ALA A 73 -3.18 -5.19 -13.86
N PRO A 74 -3.47 -6.21 -14.68
CA PRO A 74 -3.56 -6.06 -16.14
C PRO A 74 -4.45 -4.91 -16.62
N GLU A 75 -5.63 -4.72 -16.02
CA GLU A 75 -6.54 -3.67 -16.51
C GLU A 75 -5.93 -2.27 -16.42
N ILE A 76 -5.03 -2.08 -15.47
CA ILE A 76 -4.42 -0.77 -15.21
C ILE A 76 -3.44 -0.34 -16.30
N VAL A 77 -2.86 -1.32 -16.99
CA VAL A 77 -1.91 -1.06 -18.07
C VAL A 77 -2.35 -1.76 -19.37
N ARG A 78 -3.67 -1.87 -19.56
CA ARG A 78 -4.21 -2.49 -20.78
C ARG A 78 -3.91 -1.62 -22.01
N PRO A 79 -4.02 -2.20 -23.21
CA PRO A 79 -3.64 -1.45 -24.41
C PRO A 79 -4.30 -0.08 -24.58
N HIS A 80 -5.60 0.04 -24.27
CA HIS A 80 -6.27 1.34 -24.36
C HIS A 80 -5.48 2.44 -23.66
N VAL A 81 -5.02 2.15 -22.46
CA VAL A 81 -4.35 3.15 -21.63
C VAL A 81 -2.92 3.38 -22.08
N ILE A 82 -2.26 2.30 -22.50
CA ILE A 82 -0.88 2.40 -22.96
C ILE A 82 -0.80 3.21 -24.27
N GLU A 83 -1.69 2.91 -25.21
CA GLU A 83 -1.62 3.58 -26.50
C GLU A 83 -2.11 5.02 -26.45
N LYS A 84 -3.20 5.24 -25.74
CA LYS A 84 -3.84 6.56 -25.74
C LYS A 84 -3.10 7.57 -24.87
N PHE A 85 -2.49 7.09 -23.80
CA PHE A 85 -1.90 7.98 -22.80
C PHE A 85 -0.41 7.75 -22.56
N VAL A 86 -0.03 6.55 -22.13
CA VAL A 86 1.34 6.36 -21.65
C VAL A 86 2.42 6.53 -22.72
N LYS A 87 2.28 5.87 -23.86
CA LYS A 87 3.28 6.02 -24.92
C LYS A 87 3.39 7.46 -25.42
N LYS A 88 2.26 8.15 -25.54
CA LYS A 88 2.28 9.52 -26.02
C LYS A 88 3.06 10.47 -25.13
N VAL A 89 3.05 10.21 -23.82
CA VAL A 89 3.81 11.04 -22.90
C VAL A 89 5.28 10.65 -22.85
N LEU A 90 5.55 9.34 -22.83
CA LEU A 90 6.91 8.83 -22.55
C LEU A 90 7.85 8.69 -23.75
N ILE A 91 7.35 8.16 -24.86
CA ILE A 91 8.23 7.83 -25.99
C ILE A 91 8.95 9.06 -26.53
N GLY A 92 10.28 8.98 -26.61
CA GLY A 92 11.08 10.07 -27.14
C GLY A 92 11.54 11.07 -26.09
N GLU A 93 11.22 10.81 -24.83
CA GLU A 93 11.54 11.75 -23.76
C GLU A 93 12.66 11.22 -22.89
N ASP A 94 13.39 12.14 -22.26
CA ASP A 94 14.45 11.85 -21.31
C ASP A 94 13.83 11.21 -20.07
N HIS A 95 14.19 9.97 -19.77
CA HIS A 95 13.54 9.25 -18.67
C HIS A 95 13.74 9.90 -17.31
N ARG A 96 14.78 10.73 -17.18
CA ARG A 96 15.08 11.35 -15.89
C ARG A 96 14.16 12.51 -15.56
N ASP A 97 13.37 12.97 -16.53
CA ASP A 97 12.47 14.10 -16.32
C ASP A 97 11.17 13.65 -15.66
N ARG A 98 11.28 12.97 -14.53
CA ARG A 98 10.13 12.36 -13.87
C ARG A 98 9.06 13.36 -13.47
N GLU A 99 9.47 14.55 -13.02
CA GLU A 99 8.49 15.56 -12.64
C GLU A 99 7.70 16.04 -13.87
N ARG A 100 8.39 16.31 -14.97
CA ARG A 100 7.70 16.73 -16.19
C ARG A 100 6.77 15.63 -16.70
N LEU A 101 7.26 14.39 -16.70
CA LEU A 101 6.45 13.30 -17.23
C LEU A 101 5.24 13.00 -16.35
N TRP A 102 5.42 13.08 -15.03
CA TRP A 102 4.30 12.87 -14.12
C TRP A 102 3.25 13.95 -14.33
N GLN A 103 3.70 15.21 -14.39
CA GLN A 103 2.76 16.31 -14.56
C GLN A 103 2.02 16.22 -15.89
N ASP A 104 2.71 15.74 -16.93
CA ASP A 104 2.05 15.54 -18.23
C ASP A 104 0.93 14.51 -18.13
N LEU A 105 1.18 13.40 -17.45
CA LEU A 105 0.13 12.40 -17.24
C LEU A 105 -1.00 12.94 -16.37
N ALA A 106 -0.64 13.66 -15.31
CA ALA A 106 -1.67 14.21 -14.41
C ALA A 106 -2.63 15.13 -15.16
N HIS A 107 -2.05 15.94 -16.05
N HIS A 107 -2.09 15.96 -16.06
CA HIS A 107 -2.79 16.92 -16.85
CA HIS A 107 -2.92 16.93 -16.76
C HIS A 107 -3.81 16.28 -17.79
C HIS A 107 -3.84 16.27 -17.81
N TRP A 108 -3.56 15.02 -18.16
CA TRP A 108 -4.43 14.30 -19.09
C TRP A 108 -5.52 13.48 -18.42
N GLN A 109 -5.50 13.41 -17.09
CA GLN A 109 -6.48 12.59 -16.38
C GLN A 109 -7.89 13.13 -16.51
N ARG A 110 -8.05 14.43 -16.32
CA ARG A 110 -9.37 15.05 -16.34
C ARG A 110 -10.14 14.74 -17.61
N GLY A 111 -9.43 14.73 -18.73
CA GLY A 111 -10.06 14.52 -20.03
C GLY A 111 -10.08 13.08 -20.51
N SER A 112 -9.73 12.14 -19.64
CA SER A 112 -9.50 10.74 -20.07
C SER A 112 -10.73 9.84 -20.02
N ALA A 113 -11.91 10.42 -19.85
CA ALA A 113 -13.15 9.67 -19.69
C ALA A 113 -13.02 8.64 -18.56
N ALA A 114 -12.33 9.06 -17.50
CA ALA A 114 -12.11 8.26 -16.29
C ALA A 114 -11.22 7.03 -16.47
N GLN A 115 -10.50 6.97 -17.58
CA GLN A 115 -9.66 5.80 -17.86
C GLN A 115 -8.19 5.94 -17.46
N LEU A 116 -7.69 7.16 -17.34
CA LEU A 116 -6.30 7.35 -16.91
C LEU A 116 -6.28 7.59 -15.41
N THR A 117 -6.07 6.51 -14.66
CA THR A 117 -6.28 6.53 -13.22
C THR A 117 -5.00 6.80 -12.46
N ASP A 118 -5.13 7.12 -11.16
CA ASP A 118 -3.97 7.26 -10.30
C ASP A 118 -3.15 5.97 -10.26
N ARG A 119 -3.82 4.83 -10.38
CA ARG A 119 -3.12 3.56 -10.47
C ARG A 119 -2.22 3.48 -11.69
N THR A 120 -2.68 4.00 -12.83
CA THR A 120 -1.82 3.99 -14.01
C THR A 120 -0.63 4.93 -13.82
N LEU A 121 -0.87 6.12 -13.26
CA LEU A 121 0.25 7.01 -12.97
C LEU A 121 1.26 6.33 -12.04
N ALA A 122 0.79 5.60 -11.04
CA ALA A 122 1.70 5.00 -10.06
C ALA A 122 2.64 4.01 -10.72
N VAL A 123 2.12 3.15 -11.59
CA VAL A 123 2.97 2.10 -12.15
C VAL A 123 4.00 2.69 -13.11
N VAL A 124 3.59 3.71 -13.87
CA VAL A 124 4.50 4.39 -14.77
C VAL A 124 5.61 5.11 -14.00
N ASP A 125 5.24 5.85 -12.97
CA ASP A 125 6.22 6.57 -12.15
C ASP A 125 7.18 5.58 -11.49
N CYS A 126 6.66 4.45 -11.01
CA CYS A 126 7.53 3.46 -10.37
C CYS A 126 8.53 2.86 -11.35
N ALA A 127 8.05 2.55 -12.56
CA ALA A 127 8.94 2.04 -13.60
C ALA A 127 10.02 3.05 -13.96
N LEU A 128 9.67 4.34 -13.96
CA LEU A 128 10.66 5.36 -14.26
C LEU A 128 11.72 5.47 -13.16
N TRP A 129 11.29 5.36 -11.91
CA TRP A 129 12.23 5.34 -10.80
C TRP A 129 13.13 4.10 -10.85
N ASP A 130 12.55 2.94 -11.17
CA ASP A 130 13.34 1.72 -11.26
C ASP A 130 14.37 1.82 -12.38
N LEU A 131 13.96 2.44 -13.48
CA LEU A 131 14.85 2.65 -14.62
C LEU A 131 16.05 3.52 -14.25
N ALA A 132 15.80 4.62 -13.54
CA ALA A 132 16.89 5.49 -13.12
C ALA A 132 17.83 4.77 -12.17
N GLY A 133 17.26 4.03 -11.21
CA GLY A 133 18.07 3.30 -10.26
C GLY A 133 18.89 2.19 -10.88
N ARG A 134 18.26 1.41 -11.75
CA ARG A 134 18.97 0.34 -12.44
C ARG A 134 20.06 0.91 -13.36
N SER A 135 19.75 2.01 -14.05
CA SER A 135 20.74 2.65 -14.91
C SER A 135 21.96 3.15 -14.14
N LEU A 136 21.74 3.65 -12.93
CA LEU A 136 22.81 4.24 -12.13
C LEU A 136 23.45 3.23 -11.15
N GLY A 137 22.85 2.05 -11.03
CA GLY A 137 23.31 1.07 -10.08
C GLY A 137 23.05 1.46 -8.63
N GLN A 138 21.90 2.10 -8.39
CA GLN A 138 21.58 2.67 -7.07
C GLN A 138 20.19 2.25 -6.62
N PRO A 139 20.03 1.88 -5.34
CA PRO A 139 18.69 1.65 -4.83
C PRO A 139 17.91 2.96 -4.87
N VAL A 140 16.62 2.89 -5.12
CA VAL A 140 15.82 4.12 -5.27
C VAL A 140 15.88 5.01 -4.02
N TYR A 141 15.82 4.42 -2.83
CA TYR A 141 15.84 5.26 -1.63
C TYR A 141 17.16 6.00 -1.44
N LYS A 142 18.26 5.42 -1.91
CA LYS A 142 19.55 6.10 -1.87
C LYS A 142 19.63 7.25 -2.88
N LEU A 143 18.96 7.08 -4.02
CA LEU A 143 18.88 8.14 -5.03
C LEU A 143 18.07 9.32 -4.53
N ILE A 144 16.97 9.02 -3.86
CA ILE A 144 16.14 10.06 -3.26
C ILE A 144 16.93 10.81 -2.20
N GLY A 145 17.69 10.06 -1.41
CA GLY A 145 18.40 10.58 -0.26
C GLY A 145 17.94 9.76 0.92
N GLY A 146 18.80 8.85 1.38
CA GLY A 146 18.38 7.86 2.37
C GLY A 146 18.17 8.41 3.77
N TYR A 147 17.18 7.89 4.48
CA TYR A 147 17.06 8.17 5.91
C TYR A 147 17.40 6.94 6.76
N ARG A 148 16.87 5.77 6.38
CA ARG A 148 17.12 4.56 7.16
C ARG A 148 17.22 3.33 6.27
N ASP A 149 18.09 2.39 6.62
CA ASP A 149 18.28 1.18 5.81
C ASP A 149 17.40 0.04 6.30
N LYS A 150 16.84 0.23 7.49
CA LYS A 150 15.89 -0.73 8.04
C LYS A 150 14.78 0.04 8.74
N VAL A 151 13.63 -0.59 8.90
CA VAL A 151 12.49 0.10 9.49
C VAL A 151 11.56 -0.92 10.13
N LEU A 152 10.97 -0.54 11.27
CA LEU A 152 10.00 -1.38 11.94
C LEU A 152 8.81 -1.61 11.02
N ALA A 153 8.30 -2.84 11.01
CA ALA A 153 7.10 -3.15 10.26
C ALA A 153 5.98 -3.56 11.21
N TYR A 154 4.75 -3.22 10.88
CA TYR A 154 3.64 -3.83 11.60
C TYR A 154 3.06 -4.96 10.77
N GLY A 155 2.54 -5.97 11.44
CA GLY A 155 1.88 -7.07 10.76
C GLY A 155 0.44 -6.68 10.48
N SER A 156 0.11 -6.55 9.20
CA SER A 156 -1.19 -6.04 8.79
C SER A 156 -2.10 -7.21 8.44
N ILE A 157 -3.08 -7.46 9.29
CA ILE A 157 -3.91 -8.66 9.19
C ILE A 157 -5.07 -8.48 8.21
N MSE A 158 -5.29 -9.48 7.36
CA MSE A 158 -6.37 -9.43 6.37
C MSE A 158 -7.72 -9.18 7.01
O MSE A 158 -7.93 -9.48 8.20
CB MSE A 158 -6.46 -10.77 5.61
CG MSE A 158 -5.43 -10.94 4.52
SE MSE A 158 -5.77 -12.54 3.42
CE MSE A 158 -4.34 -12.30 2.12
N CYS A 159 -8.65 -8.66 6.21
CA CYS A 159 -10.06 -8.55 6.59
C CYS A 159 -10.59 -9.87 7.13
N GLY A 160 -11.56 -9.76 8.03
CA GLY A 160 -12.19 -10.93 8.62
C GLY A 160 -12.87 -11.83 7.62
N ASP A 161 -12.98 -13.11 7.97
CA ASP A 161 -13.68 -14.06 7.13
C ASP A 161 -14.65 -14.92 7.94
N GLU A 162 -15.10 -16.02 7.33
CA GLU A 162 -15.96 -16.97 8.02
C GLU A 162 -15.30 -18.34 7.93
N LEU A 163 -13.98 -18.36 7.86
CA LEU A 163 -13.21 -19.60 7.77
C LEU A 163 -12.85 -20.11 9.16
N GLU A 164 -13.28 -21.32 9.49
CA GLU A 164 -12.99 -21.88 10.81
C GLU A 164 -11.47 -21.90 11.08
N GLY A 165 -11.07 -21.29 12.20
CA GLY A 165 -9.67 -21.22 12.57
C GLY A 165 -8.88 -20.14 11.84
N GLY A 166 -9.56 -19.40 10.96
CA GLY A 166 -8.91 -18.35 10.19
C GLY A 166 -9.03 -17.03 10.92
N LEU A 167 -9.97 -16.20 10.45
CA LEU A 167 -10.28 -14.93 11.11
C LEU A 167 -11.80 -14.84 11.26
N ALA A 168 -12.40 -15.88 11.82
CA ALA A 168 -13.87 -15.95 11.89
C ALA A 168 -14.44 -15.42 13.20
N THR A 169 -13.65 -15.48 14.26
CA THR A 169 -14.09 -15.08 15.60
C THR A 169 -13.12 -14.07 16.20
N PRO A 170 -13.56 -13.37 17.26
CA PRO A 170 -12.62 -12.51 17.97
C PRO A 170 -11.40 -13.28 18.47
N GLU A 171 -11.60 -14.47 19.03
CA GLU A 171 -10.46 -15.25 19.52
C GLU A 171 -9.47 -15.64 18.41
N ASP A 172 -9.96 -15.85 17.19
CA ASP A 172 -9.07 -16.13 16.06
C ASP A 172 -8.06 -15.01 15.83
N TYR A 173 -8.49 -13.76 16.02
CA TYR A 173 -7.60 -12.63 15.86
C TYR A 173 -6.57 -12.66 16.98
N GLY A 174 -7.03 -12.97 18.19
CA GLY A 174 -6.15 -13.06 19.34
C GLY A 174 -5.06 -14.09 19.13
N ARG A 175 -5.44 -15.26 18.61
CA ARG A 175 -4.46 -16.32 18.41
C ARG A 175 -3.46 -15.96 17.31
N PHE A 176 -3.94 -15.34 16.22
CA PHE A 176 -3.03 -14.97 15.16
C PHE A 176 -2.07 -13.89 15.66
N ALA A 177 -2.58 -12.98 16.49
CA ALA A 177 -1.74 -11.93 17.06
C ALA A 177 -0.58 -12.51 17.86
N GLU A 178 -0.84 -13.56 18.63
CA GLU A 178 0.23 -14.22 19.39
C GLU A 178 1.33 -14.73 18.47
N THR A 179 0.94 -15.33 17.35
CA THR A 179 1.88 -15.83 16.35
C THR A 179 2.73 -14.70 15.74
N LEU A 180 2.08 -13.57 15.45
CA LEU A 180 2.80 -12.42 14.88
C LEU A 180 3.81 -11.84 15.87
N VAL A 181 3.46 -11.80 17.15
CA VAL A 181 4.40 -11.29 18.16
C VAL A 181 5.63 -12.20 18.23
N LYS A 182 5.39 -13.50 18.23
CA LYS A 182 6.48 -14.48 18.21
C LYS A 182 7.41 -14.29 17.00
N ARG A 183 6.83 -13.98 15.84
CA ARG A 183 7.61 -13.74 14.62
C ARG A 183 8.49 -12.49 14.75
N GLY A 184 8.07 -11.54 15.58
CA GLY A 184 8.90 -10.40 15.88
C GLY A 184 8.25 -9.05 15.61
N TYR A 185 7.04 -9.05 15.08
CA TYR A 185 6.32 -7.80 14.85
C TYR A 185 6.15 -7.04 16.15
N LYS A 186 6.47 -5.74 16.13
CA LYS A 186 6.31 -4.89 17.31
C LYS A 186 4.99 -4.13 17.26
N GLY A 187 4.33 -4.18 16.11
CA GLY A 187 2.99 -3.60 15.96
C GLY A 187 2.12 -4.52 15.15
N ILE A 188 0.81 -4.45 15.37
CA ILE A 188 -0.17 -5.29 14.68
C ILE A 188 -1.37 -4.45 14.32
N LYS A 189 -1.84 -4.54 13.07
CA LYS A 189 -3.07 -3.85 12.68
C LYS A 189 -4.13 -4.83 12.27
N LEU A 190 -5.32 -4.71 12.87
CA LEU A 190 -6.45 -5.55 12.46
C LEU A 190 -7.22 -4.89 11.33
N HIS A 191 -7.55 -5.65 10.28
CA HIS A 191 -8.66 -5.28 9.42
C HIS A 191 -9.78 -6.22 9.88
N THR A 192 -10.92 -5.66 10.27
CA THR A 192 -12.01 -6.49 10.78
C THR A 192 -13.03 -6.89 9.70
N TRP A 193 -14.21 -7.34 10.12
CA TRP A 193 -15.16 -7.97 9.18
C TRP A 193 -15.95 -6.98 8.33
N MSE A 194 -16.05 -7.27 7.03
CA MSE A 194 -16.72 -6.39 6.09
C MSE A 194 -17.59 -7.21 5.13
O MSE A 194 -17.25 -8.36 4.81
CB MSE A 194 -15.69 -5.57 5.33
CG MSE A 194 -14.73 -4.80 6.23
SE MSE A 194 -13.51 -3.68 5.21
CE MSE A 194 -12.16 -3.37 6.58
N PRO A 195 -18.70 -6.63 4.65
CA PRO A 195 -19.47 -7.28 3.58
C PRO A 195 -18.52 -7.65 2.45
N PRO A 196 -18.75 -8.79 1.78
CA PRO A 196 -19.91 -9.68 1.89
C PRO A 196 -19.85 -10.78 2.96
N VAL A 197 -19.05 -10.65 4.02
CA VAL A 197 -19.24 -11.51 5.20
C VAL A 197 -20.69 -11.33 5.61
N SER A 198 -21.41 -12.44 5.76
CA SER A 198 -22.87 -12.42 5.85
C SER A 198 -23.45 -11.44 6.87
N TRP A 199 -22.87 -11.44 8.08
CA TRP A 199 -23.40 -10.66 9.19
C TRP A 199 -22.78 -9.26 9.31
N ALA A 200 -21.77 -8.98 8.50
CA ALA A 200 -20.99 -7.75 8.65
C ALA A 200 -21.66 -6.49 8.08
N PRO A 201 -21.29 -5.30 8.59
CA PRO A 201 -20.35 -5.06 9.69
C PRO A 201 -21.07 -5.01 11.03
N ASP A 202 -20.31 -5.15 12.12
CA ASP A 202 -20.87 -5.12 13.45
C ASP A 202 -19.83 -4.52 14.38
N VAL A 203 -20.09 -3.32 14.89
CA VAL A 203 -19.16 -2.63 15.77
C VAL A 203 -18.81 -3.46 17.01
N LYS A 204 -19.79 -4.13 17.58
CA LYS A 204 -19.53 -4.94 18.76
C LYS A 204 -18.54 -6.06 18.48
N MSE A 205 -18.68 -6.71 17.32
CA MSE A 205 -17.74 -7.76 16.92
C MSE A 205 -16.34 -7.20 16.72
O MSE A 205 -15.36 -7.78 17.18
CB MSE A 205 -18.22 -8.50 15.67
CG MSE A 205 -19.43 -9.38 15.89
SE MSE A 205 -18.96 -10.94 17.02
CE MSE A 205 -17.99 -11.93 15.73
N ASP A 206 -16.23 -6.08 16.01
CA ASP A 206 -14.93 -5.43 15.81
C ASP A 206 -14.24 -5.15 17.13
N LEU A 207 -14.99 -4.61 18.09
CA LEU A 207 -14.43 -4.27 19.40
C LEU A 207 -14.03 -5.53 20.14
N LYS A 208 -14.80 -6.61 19.99
CA LYS A 208 -14.41 -7.87 20.62
C LYS A 208 -13.08 -8.40 20.06
N ALA A 209 -12.89 -8.26 18.76
CA ALA A 209 -11.62 -8.68 18.15
C ALA A 209 -10.48 -7.84 18.72
N CYS A 210 -10.69 -6.53 18.80
CA CYS A 210 -9.67 -5.63 19.32
C CYS A 210 -9.30 -6.00 20.76
N ALA A 211 -10.31 -6.31 21.55
CA ALA A 211 -10.10 -6.65 22.95
C ALA A 211 -9.35 -7.97 23.10
N ALA A 212 -9.74 -8.95 22.29
CA ALA A 212 -9.05 -10.24 22.29
C ALA A 212 -7.57 -10.12 21.94
N VAL A 213 -7.25 -9.25 20.99
CA VAL A 213 -5.87 -9.04 20.59
C VAL A 213 -5.07 -8.37 21.71
N ARG A 214 -5.65 -7.33 22.31
CA ARG A 214 -4.97 -6.63 23.40
C ARG A 214 -4.72 -7.59 24.56
N GLU A 215 -5.71 -8.41 24.88
CA GLU A 215 -5.57 -9.38 25.97
C GLU A 215 -4.46 -10.38 25.66
N ALA A 216 -4.37 -10.78 24.39
CA ALA A 216 -3.39 -11.78 23.97
C ALA A 216 -1.94 -11.29 24.00
N VAL A 217 -1.72 -10.05 23.59
CA VAL A 217 -0.35 -9.55 23.40
C VAL A 217 0.17 -8.66 24.53
N GLY A 218 -0.72 -8.23 25.42
CA GLY A 218 -0.33 -7.33 26.49
C GLY A 218 -0.28 -5.87 26.07
N PRO A 219 0.14 -5.00 26.98
CA PRO A 219 0.11 -3.53 26.81
C PRO A 219 1.25 -2.92 25.97
N ASP A 220 2.34 -3.66 25.72
CA ASP A 220 3.52 -3.06 25.07
C ASP A 220 3.64 -3.29 23.55
N ILE A 221 2.78 -4.12 23.00
CA ILE A 221 2.70 -4.25 21.54
C ILE A 221 1.77 -3.15 21.04
N ARG A 222 2.15 -2.46 19.95
CA ARG A 222 1.32 -1.38 19.41
C ARG A 222 0.21 -1.95 18.54
N LEU A 223 -1.01 -1.46 18.74
CA LEU A 223 -2.17 -2.03 18.05
C LEU A 223 -2.95 -0.97 17.29
N MSE A 224 -3.37 -1.32 16.08
N MSE A 224 -3.45 -1.33 16.12
CA MSE A 224 -4.13 -0.45 15.18
CA MSE A 224 -4.23 -0.41 15.32
C MSE A 224 -5.37 -1.18 14.67
C MSE A 224 -5.37 -1.16 14.65
O MSE A 224 -5.41 -2.40 14.64
O MSE A 224 -5.33 -2.39 14.50
CB MSE A 224 -3.27 -0.04 13.99
CB MSE A 224 -3.35 0.27 14.27
CG MSE A 224 -2.24 1.02 14.32
CG MSE A 224 -2.19 1.12 14.85
SE MSE A 224 -0.52 0.74 13.48
SE MSE A 224 -0.57 0.15 15.35
CE MSE A 224 0.33 -0.30 14.89
CE MSE A 224 0.31 0.07 13.62
N ILE A 225 -6.39 -0.42 14.27
CA ILE A 225 -7.60 -1.01 13.65
C ILE A 225 -8.00 -0.25 12.40
N ASP A 226 -8.23 -0.99 11.33
CA ASP A 226 -8.74 -0.47 10.06
C ASP A 226 -10.06 -1.21 9.84
N ALA A 227 -11.15 -0.62 10.32
CA ALA A 227 -12.44 -1.30 10.30
C ALA A 227 -13.20 -1.03 9.01
N PHE A 228 -14.38 -1.61 8.87
CA PHE A 228 -15.32 -1.32 7.77
C PHE A 228 -15.25 0.15 7.35
N HIS A 229 -14.98 0.40 6.06
CA HIS A 229 -14.59 1.75 5.61
C HIS A 229 -15.74 2.74 5.41
N TRP A 230 -16.96 2.35 5.76
CA TRP A 230 -18.11 3.20 5.48
C TRP A 230 -19.12 3.25 6.64
N TYR A 231 -18.67 3.09 7.87
CA TYR A 231 -19.58 3.21 9.03
C TYR A 231 -20.14 4.61 9.07
N SER A 232 -21.36 4.73 9.59
CA SER A 232 -21.95 6.03 9.91
C SER A 232 -21.13 6.76 10.96
N ARG A 233 -21.38 8.05 11.13
CA ARG A 233 -20.74 8.81 12.20
C ARG A 233 -21.04 8.18 13.55
N THR A 234 -22.30 7.81 13.80
CA THR A 234 -22.67 7.23 15.09
C THR A 234 -21.96 5.91 15.38
N ASP A 235 -21.86 5.05 14.38
CA ASP A 235 -21.13 3.78 14.54
C ASP A 235 -19.62 3.97 14.74
N ALA A 236 -19.01 4.89 13.98
CA ALA A 236 -17.59 5.12 14.12
C ALA A 236 -17.25 5.73 15.48
N LEU A 237 -18.14 6.58 15.99
CA LEU A 237 -17.97 7.13 17.33
C LEU A 237 -18.03 6.03 18.38
N ALA A 238 -18.95 5.09 18.21
CA ALA A 238 -19.07 3.97 19.14
C ALA A 238 -17.83 3.08 19.06
N LEU A 239 -17.34 2.86 17.84
CA LEU A 239 -16.13 2.07 17.66
C LEU A 239 -14.94 2.76 18.32
N GLY A 240 -14.73 4.04 18.03
CA GLY A 240 -13.58 4.75 18.55
C GLY A 240 -13.60 4.87 20.05
N ARG A 241 -14.79 5.08 20.61
CA ARG A 241 -14.95 5.14 22.07
C ARG A 241 -14.53 3.84 22.73
N GLY A 242 -14.90 2.72 22.11
CA GLY A 242 -14.56 1.42 22.63
C GLY A 242 -13.08 1.14 22.60
N LEU A 243 -12.37 1.77 21.68
CA LEU A 243 -10.94 1.53 21.48
C LEU A 243 -10.09 2.24 22.51
N GLU A 244 -10.58 3.37 22.99
CA GLU A 244 -9.82 4.17 23.94
C GLU A 244 -9.56 3.40 25.24
N LYS A 245 -10.49 2.51 25.55
CA LYS A 245 -10.32 1.60 26.68
C LYS A 245 -9.19 0.56 26.46
N LEU A 246 -8.80 0.35 25.20
CA LEU A 246 -7.80 -0.68 24.86
C LEU A 246 -6.41 -0.12 24.48
N GLY A 247 -6.25 1.19 24.54
CA GLY A 247 -4.95 1.78 24.28
C GLY A 247 -4.42 1.60 22.86
N PHE A 248 -5.31 1.63 21.88
CA PHE A 248 -4.89 1.50 20.49
C PHE A 248 -4.21 2.77 19.98
N ASP A 249 -3.25 2.59 19.07
CA ASP A 249 -2.43 3.68 18.54
C ASP A 249 -3.18 4.53 17.52
N TRP A 250 -4.00 3.89 16.70
CA TRP A 250 -4.80 4.64 15.74
C TRP A 250 -6.04 3.91 15.26
N ILE A 251 -7.00 4.68 14.76
CA ILE A 251 -8.19 4.16 14.10
C ILE A 251 -8.08 4.65 12.65
N GLU A 252 -8.25 3.73 11.71
CA GLU A 252 -8.00 4.01 10.30
C GLU A 252 -9.26 3.85 9.45
N GLU A 253 -9.60 4.90 8.69
CA GLU A 253 -10.70 4.89 7.73
C GLU A 253 -11.96 4.18 8.20
N PRO A 254 -12.56 4.66 9.30
CA PRO A 254 -13.78 3.97 9.72
C PRO A 254 -15.02 4.53 9.03
N MSE A 255 -14.88 5.59 8.25
CA MSE A 255 -16.03 6.22 7.58
C MSE A 255 -15.68 6.53 6.14
O MSE A 255 -14.52 6.52 5.78
CB MSE A 255 -16.45 7.53 8.29
CG MSE A 255 -16.80 7.39 9.76
SE MSE A 255 -17.04 9.12 10.63
CE MSE A 255 -15.27 9.83 10.17
N ASP A 256 -16.69 6.79 5.32
CA ASP A 256 -16.47 7.13 3.92
C ASP A 256 -15.55 8.35 3.79
N GLU A 257 -14.35 8.14 3.26
CA GLU A 257 -13.36 9.22 3.18
C GLU A 257 -13.72 10.37 2.23
N GLN A 258 -14.78 10.20 1.45
CA GLN A 258 -15.27 11.29 0.62
C GLN A 258 -15.90 12.38 1.48
N SER A 259 -16.18 12.07 2.75
CA SER A 259 -16.73 13.03 3.70
C SER A 259 -15.67 13.59 4.64
N LEU A 260 -14.97 14.61 4.17
CA LEU A 260 -13.97 15.30 4.97
C LEU A 260 -14.57 15.80 6.27
N SER A 261 -15.79 16.32 6.17
CA SER A 261 -16.48 16.87 7.35
C SER A 261 -16.71 15.85 8.44
N SER A 262 -17.03 14.61 8.06
CA SER A 262 -17.21 13.55 9.03
C SER A 262 -15.92 13.27 9.81
N TYR A 263 -14.79 13.39 9.12
CA TYR A 263 -13.49 13.17 9.76
C TYR A 263 -13.10 14.30 10.72
N LYS A 264 -13.41 15.53 10.35
N LYS A 264 -13.41 15.54 10.35
CA LYS A 264 -13.22 16.67 11.26
CA LYS A 264 -13.22 16.68 11.26
C LYS A 264 -14.01 16.42 12.54
C LYS A 264 -14.01 16.44 12.54
N TRP A 265 -15.26 16.01 12.37
CA TRP A 265 -16.14 15.74 13.51
C TRP A 265 -15.63 14.58 14.36
N LEU A 266 -15.25 13.48 13.71
CA LEU A 266 -14.84 12.30 14.47
C LEU A 266 -13.55 12.55 15.23
N SER A 267 -12.57 13.20 14.59
N SER A 267 -12.57 13.20 14.60
CA SER A 267 -11.31 13.53 15.24
CA SER A 267 -11.31 13.49 15.29
C SER A 267 -11.55 14.41 16.46
C SER A 267 -11.53 14.43 16.48
N ASP A 268 -12.47 15.36 16.34
CA ASP A 268 -12.83 16.24 17.45
C ASP A 268 -13.46 15.48 18.62
N ASN A 269 -14.12 14.36 18.33
CA ASN A 269 -14.86 13.62 19.34
C ASN A 269 -14.18 12.35 19.86
N LEU A 270 -13.01 12.04 19.31
CA LEU A 270 -12.24 10.88 19.79
C LEU A 270 -10.90 11.31 20.37
N ASP A 271 -10.47 10.59 21.42
CA ASP A 271 -9.12 10.77 21.94
C ASP A 271 -8.08 10.01 21.09
N ILE A 272 -8.47 8.83 20.59
CA ILE A 272 -7.56 8.01 19.78
C ILE A 272 -7.22 8.70 18.46
N PRO A 273 -5.94 8.70 18.07
CA PRO A 273 -5.59 9.34 16.79
C PRO A 273 -6.31 8.73 15.59
N VAL A 274 -6.79 9.59 14.71
CA VAL A 274 -7.38 9.19 13.44
C VAL A 274 -6.33 9.36 12.36
N VAL A 275 -6.11 8.31 11.56
CA VAL A 275 -5.12 8.37 10.49
C VAL A 275 -5.86 8.30 9.14
N GLY A 276 -5.47 9.16 8.21
CA GLY A 276 -6.13 9.22 6.91
C GLY A 276 -5.63 10.41 6.10
N PRO A 277 -6.07 10.54 4.83
CA PRO A 277 -6.98 9.60 4.17
C PRO A 277 -6.19 8.58 3.38
N GLU A 278 -6.65 7.33 3.40
CA GLU A 278 -5.98 6.31 2.60
C GLU A 278 -6.46 6.29 1.15
N SER A 279 -7.77 6.22 0.96
CA SER A 279 -8.31 5.91 -0.36
C SER A 279 -8.81 7.12 -1.14
N ALA A 280 -8.94 8.26 -0.47
CA ALA A 280 -9.47 9.45 -1.10
C ALA A 280 -8.67 9.87 -2.34
N ALA A 281 -9.37 10.40 -3.33
CA ALA A 281 -8.73 10.89 -4.56
C ALA A 281 -8.03 12.22 -4.31
N GLY A 282 -7.39 12.75 -5.34
CA GLY A 282 -6.82 14.09 -5.24
C GLY A 282 -5.36 14.17 -4.81
N LYS A 283 -4.73 13.02 -4.61
CA LYS A 283 -3.28 12.93 -4.40
C LYS A 283 -2.79 13.81 -3.25
N HIS A 284 -1.67 14.52 -3.46
CA HIS A 284 -1.10 15.34 -2.41
C HIS A 284 -1.92 16.58 -2.15
N TRP A 285 -2.61 17.08 -3.19
CA TRP A 285 -3.45 18.28 -3.04
C TRP A 285 -4.55 18.02 -2.04
N HIS A 286 -5.24 16.90 -2.17
CA HIS A 286 -6.37 16.63 -1.28
C HIS A 286 -5.89 16.36 0.13
N ARG A 287 -4.68 15.82 0.25
CA ARG A 287 -4.16 15.55 1.57
C ARG A 287 -3.80 16.84 2.31
N ALA A 288 -3.39 17.87 1.57
CA ALA A 288 -3.20 19.19 2.17
C ALA A 288 -4.51 19.68 2.78
N GLU A 289 -5.62 19.39 2.11
CA GLU A 289 -6.92 19.81 2.63
C GLU A 289 -7.27 19.12 3.95
N TRP A 290 -6.88 17.85 4.09
CA TRP A 290 -7.10 17.12 5.33
C TRP A 290 -6.32 17.76 6.47
N ILE A 291 -5.11 18.26 6.18
CA ILE A 291 -4.33 18.96 7.18
C ILE A 291 -4.94 20.30 7.54
N LYS A 292 -5.27 21.08 6.52
CA LYS A 292 -5.82 22.42 6.70
C LYS A 292 -7.10 22.38 7.52
N ALA A 293 -7.92 21.36 7.30
CA ALA A 293 -9.22 21.26 7.93
C ALA A 293 -9.17 20.53 9.26
N GLY A 294 -8.01 19.98 9.62
CA GLY A 294 -7.90 19.22 10.86
C GLY A 294 -8.71 17.94 10.85
N ALA A 295 -8.72 17.25 9.71
CA ALA A 295 -9.55 16.07 9.54
C ALA A 295 -8.88 14.79 10.06
N CYS A 296 -7.58 14.87 10.34
CA CYS A 296 -6.87 13.71 10.86
C CYS A 296 -5.76 14.16 11.79
N ASP A 297 -5.30 13.23 12.62
CA ASP A 297 -4.18 13.49 13.53
C ASP A 297 -2.86 12.95 12.96
N ILE A 298 -2.98 11.98 12.05
CA ILE A 298 -1.83 11.39 11.36
C ILE A 298 -2.23 11.30 9.90
N LEU A 299 -1.35 11.73 9.00
CA LEU A 299 -1.67 11.70 7.57
C LEU A 299 -1.46 10.29 7.03
N ARG A 300 -2.06 10.01 5.88
CA ARG A 300 -1.83 8.74 5.21
C ARG A 300 -1.57 8.99 3.74
N THR A 301 -0.69 8.17 3.17
CA THR A 301 -0.42 8.23 1.74
C THR A 301 -0.12 6.82 1.31
N GLY A 302 0.16 6.63 0.03
CA GLY A 302 0.58 5.32 -0.46
C GLY A 302 0.89 5.49 -1.91
N VAL A 303 1.86 4.72 -2.42
CA VAL A 303 2.25 4.87 -3.81
C VAL A 303 1.07 4.67 -4.74
N ASN A 304 0.28 3.64 -4.48
CA ASN A 304 -0.88 3.37 -5.35
C ASN A 304 -1.99 4.39 -5.16
N ASP A 305 -2.07 4.97 -3.97
CA ASP A 305 -3.18 5.86 -3.66
C ASP A 305 -2.99 7.28 -4.19
N VAL A 306 -1.76 7.72 -4.34
CA VAL A 306 -1.54 9.10 -4.79
C VAL A 306 -0.87 9.18 -6.15
N GLY A 307 -0.63 8.04 -6.78
CA GLY A 307 -0.17 8.07 -8.16
C GLY A 307 1.34 7.97 -8.37
N GLY A 308 2.05 7.34 -7.44
CA GLY A 308 3.47 7.08 -7.64
C GLY A 308 4.38 7.45 -6.48
N ILE A 309 5.65 7.10 -6.61
CA ILE A 309 6.66 7.47 -5.62
C ILE A 309 6.83 8.98 -5.58
N THR A 310 6.79 9.62 -6.74
CA THR A 310 6.97 11.07 -6.81
C THR A 310 5.94 11.85 -5.94
N PRO A 311 4.64 11.61 -6.16
CA PRO A 311 3.68 12.29 -5.28
C PRO A 311 3.66 11.76 -3.85
N ALA A 312 4.02 10.50 -3.63
CA ALA A 312 4.08 9.99 -2.26
C ALA A 312 5.12 10.78 -1.47
N LEU A 313 6.27 11.04 -2.09
CA LEU A 313 7.30 11.84 -1.45
C LEU A 313 6.79 13.24 -1.14
N LYS A 314 6.02 13.83 -2.06
CA LYS A 314 5.45 15.14 -1.80
C LYS A 314 4.53 15.13 -0.58
N THR A 315 3.72 14.08 -0.43
CA THR A 315 2.85 13.96 0.74
C THR A 315 3.66 13.80 2.02
N MSE A 316 4.77 13.07 1.96
CA MSE A 316 5.62 12.92 3.15
C MSE A 316 6.17 14.27 3.60
O MSE A 316 6.20 14.58 4.79
CB MSE A 316 6.79 11.96 2.89
CG MSE A 316 6.41 10.52 2.53
SE MSE A 316 5.41 9.62 3.93
CE MSE A 316 6.57 10.01 5.44
N HIS A 317 6.61 15.06 2.64
CA HIS A 317 7.20 16.37 2.93
C HIS A 317 6.17 17.35 3.43
N LEU A 318 4.99 17.31 2.82
CA LEU A 318 3.84 18.08 3.27
C LEU A 318 3.54 17.82 4.75
N ALA A 319 3.42 16.54 5.11
CA ALA A 319 3.17 16.18 6.50
C ALA A 319 4.29 16.66 7.41
N GLU A 320 5.53 16.44 7.00
CA GLU A 320 6.68 16.81 7.84
C GLU A 320 6.68 18.31 8.15
N ALA A 321 6.32 19.13 7.17
CA ALA A 321 6.31 20.59 7.39
C ALA A 321 5.30 21.00 8.46
N PHE A 322 4.24 20.20 8.64
CA PHE A 322 3.28 20.42 9.71
C PHE A 322 3.63 19.69 11.01
N GLY A 323 4.81 19.06 11.03
CA GLY A 323 5.23 18.32 12.20
C GLY A 323 4.45 17.03 12.40
N MSE A 324 3.86 16.52 11.32
CA MSE A 324 3.01 15.34 11.37
C MSE A 324 3.70 14.11 10.83
O MSE A 324 4.65 14.22 10.05
CB MSE A 324 1.73 15.58 10.58
CG MSE A 324 0.84 16.64 11.21
SE MSE A 324 -0.72 17.05 10.13
CE MSE A 324 -1.76 15.42 10.42
N GLU A 325 3.23 12.94 11.24
CA GLU A 325 3.63 11.70 10.61
C GLU A 325 2.71 11.42 9.44
N CYS A 326 3.21 10.65 8.49
CA CYS A 326 2.41 10.26 7.34
C CYS A 326 2.70 8.78 7.10
N GLU A 327 1.73 7.94 7.42
CA GLU A 327 1.93 6.49 7.39
C GLU A 327 1.62 5.96 5.98
N VAL A 328 2.51 5.12 5.47
CA VAL A 328 2.49 4.73 4.06
C VAL A 328 1.70 3.43 3.88
N HIS A 329 0.60 3.52 3.13
CA HIS A 329 -0.26 2.37 2.88
C HIS A 329 0.33 1.42 1.87
N GLY A 330 0.44 0.15 2.25
CA GLY A 330 0.73 -0.90 1.31
C GLY A 330 2.13 -1.46 1.42
N ASN A 331 2.26 -2.74 1.09
CA ASN A 331 3.57 -3.37 1.05
C ASN A 331 4.22 -3.22 -0.34
N THR A 332 5.25 -4.04 -0.58
CA THR A 332 6.09 -4.06 -1.80
C THR A 332 7.15 -2.97 -1.85
N ALA A 333 8.14 -3.17 -2.72
CA ALA A 333 9.31 -2.32 -2.81
C ALA A 333 9.00 -0.84 -2.96
N MSE A 334 8.00 -0.52 -3.78
CA MSE A 334 7.72 0.88 -4.09
C MSE A 334 7.41 1.66 -2.80
O MSE A 334 7.88 2.80 -2.62
CB MSE A 334 6.56 1.01 -5.09
CG MSE A 334 5.25 0.45 -4.58
SE MSE A 334 3.97 0.18 -6.04
CE MSE A 334 2.47 -0.50 -5.00
N ASN A 335 6.64 1.06 -1.91
CA ASN A 335 6.30 1.72 -0.66
C ASN A 335 7.44 1.67 0.33
N LEU A 336 8.16 0.55 0.35
CA LEU A 336 9.31 0.41 1.24
C LEU A 336 10.35 1.50 0.98
N HIS A 337 10.59 1.83 -0.28
CA HIS A 337 11.61 2.84 -0.60
C HIS A 337 11.18 4.24 -0.16
N VAL A 338 9.89 4.53 -0.22
CA VAL A 338 9.38 5.80 0.30
C VAL A 338 9.62 5.86 1.81
N VAL A 339 9.29 4.78 2.50
CA VAL A 339 9.50 4.72 3.95
C VAL A 339 11.00 4.87 4.32
N ALA A 340 11.88 4.25 3.54
CA ALA A 340 13.31 4.30 3.85
C ALA A 340 13.92 5.68 3.58
N ALA A 341 13.30 6.44 2.69
CA ALA A 341 13.80 7.76 2.32
C ALA A 341 13.33 8.87 3.25
N THR A 342 12.40 8.57 4.16
CA THR A 342 11.78 9.61 4.97
C THR A 342 11.83 9.29 6.46
N LYS A 343 11.72 10.33 7.29
CA LYS A 343 11.80 10.17 8.73
C LYS A 343 10.44 10.05 9.40
N ASN A 344 9.48 10.80 8.89
CA ASN A 344 8.21 11.00 9.59
C ASN A 344 7.15 9.95 9.28
N CYS A 345 7.52 8.69 9.45
CA CYS A 345 6.61 7.58 9.23
C CYS A 345 7.06 6.49 10.20
N ARG A 346 6.17 6.02 11.05
CA ARG A 346 6.57 5.07 12.08
C ARG A 346 6.85 3.66 11.53
N TRP A 347 6.13 3.28 10.47
CA TRP A 347 6.15 1.89 10.03
C TRP A 347 6.21 1.66 8.53
N TYR A 348 6.70 0.48 8.16
CA TYR A 348 6.35 -0.16 6.90
C TYR A 348 5.20 -1.13 7.15
N GLU A 349 4.22 -1.13 6.26
CA GLU A 349 3.05 -2.00 6.38
C GLU A 349 3.32 -3.34 5.69
N ARG A 350 3.47 -4.40 6.48
CA ARG A 350 3.84 -5.70 5.94
C ARG A 350 2.65 -6.63 5.96
N GLY A 351 2.20 -7.04 4.78
CA GLY A 351 0.99 -7.84 4.68
C GLY A 351 0.32 -7.62 3.34
N LEU A 352 -0.93 -8.04 3.19
CA LEU A 352 -1.75 -8.53 4.30
C LEU A 352 -1.48 -9.98 4.71
N LEU A 353 -1.72 -10.26 5.99
CA LEU A 353 -1.34 -11.53 6.60
C LEU A 353 -2.54 -12.34 7.05
N HIS A 354 -2.39 -13.67 7.08
CA HIS A 354 -3.46 -14.58 7.49
C HIS A 354 -2.81 -15.86 8.00
N PRO A 355 -3.39 -16.48 9.04
CA PRO A 355 -2.78 -17.71 9.55
C PRO A 355 -2.63 -18.80 8.49
N PHE A 356 -3.48 -18.80 7.47
CA PHE A 356 -3.44 -19.87 6.47
C PHE A 356 -2.35 -19.64 5.44
N LEU A 357 -1.74 -18.46 5.43
CA LEU A 357 -0.81 -18.09 4.37
C LEU A 357 0.59 -17.80 4.94
N GLU A 358 1.62 -18.10 4.16
CA GLU A 358 2.99 -17.86 4.56
C GLU A 358 3.57 -16.67 3.80
N TYR A 359 3.47 -15.48 4.37
CA TYR A 359 3.95 -14.28 3.70
C TYR A 359 5.42 -14.36 3.34
N ASP A 360 6.22 -14.99 4.20
CA ASP A 360 7.67 -14.95 4.02
C ASP A 360 8.14 -15.81 2.83
N ASP A 361 7.24 -16.60 2.26
CA ASP A 361 7.55 -17.40 1.08
C ASP A 361 7.64 -16.55 -0.19
N GLY A 362 7.03 -15.38 -0.18
CA GLY A 362 7.15 -14.48 -1.31
C GLY A 362 6.32 -14.85 -2.51
N HIS A 363 6.74 -14.37 -3.68
CA HIS A 363 5.98 -14.55 -4.91
C HIS A 363 6.77 -15.42 -5.87
N ASP A 364 6.07 -16.21 -6.69
CA ASP A 364 6.75 -17.10 -7.62
C ASP A 364 7.53 -16.33 -8.70
N TYR A 365 7.13 -15.10 -8.99
CA TYR A 365 7.81 -14.32 -10.03
C TYR A 365 8.96 -13.46 -9.50
N LEU A 366 9.26 -13.57 -8.22
CA LEU A 366 10.40 -12.86 -7.64
C LEU A 366 11.34 -13.87 -7.00
N LYS A 367 12.64 -13.73 -7.24
CA LYS A 367 13.61 -14.71 -6.75
C LYS A 367 13.91 -14.56 -5.27
N SER A 368 13.69 -13.34 -4.75
N SER A 368 13.63 -13.39 -4.71
CA SER A 368 13.94 -13.00 -3.36
CA SER A 368 13.76 -13.23 -3.26
C SER A 368 12.82 -12.08 -2.84
C SER A 368 12.86 -12.10 -2.83
N LEU A 369 12.72 -11.92 -1.52
CA LEU A 369 11.76 -10.96 -0.96
C LEU A 369 12.25 -9.54 -1.12
N SER A 370 11.31 -8.64 -1.38
CA SER A 370 11.63 -7.22 -1.43
C SER A 370 11.71 -6.66 -0.02
N ASP A 371 11.09 -7.36 0.94
CA ASP A 371 10.97 -6.84 2.29
C ASP A 371 11.26 -7.85 3.40
N PRO A 372 12.47 -8.44 3.40
CA PRO A 372 12.79 -9.45 4.41
C PRO A 372 12.80 -8.82 5.80
N MSE A 373 12.30 -9.55 6.78
CA MSE A 373 12.22 -9.00 8.13
C MSE A 373 13.00 -9.84 9.12
O MSE A 373 12.84 -11.07 9.15
CB MSE A 373 10.76 -8.89 8.58
CG MSE A 373 10.58 -8.06 9.86
SE MSE A 373 8.72 -7.91 10.43
CE MSE A 373 8.49 -9.73 11.12
N ASP A 374 13.82 -9.21 9.94
CA ASP A 374 14.55 -9.97 10.96
C ASP A 374 13.67 -10.39 12.13
N ARG A 375 14.26 -11.06 13.12
CA ARG A 375 13.50 -11.58 14.23
C ARG A 375 13.14 -10.51 15.26
N ASP A 376 13.63 -9.30 15.04
CA ASP A 376 13.31 -8.19 15.93
C ASP A 376 12.24 -7.26 15.35
N GLY A 377 11.73 -7.59 14.17
CA GLY A 377 10.66 -6.81 13.57
C GLY A 377 11.11 -5.67 12.65
N PHE A 378 12.37 -5.70 12.24
CA PHE A 378 12.88 -4.72 11.28
C PHE A 378 12.94 -5.30 9.88
N VAL A 379 12.33 -4.62 8.93
CA VAL A 379 12.52 -4.94 7.51
C VAL A 379 13.79 -4.27 7.01
N HIS A 380 14.64 -5.02 6.30
CA HIS A 380 15.88 -4.46 5.76
C HIS A 380 15.76 -4.23 4.27
N VAL A 381 15.94 -2.98 3.83
CA VAL A 381 15.83 -2.68 2.41
C VAL A 381 16.95 -3.37 1.65
N PRO A 382 16.60 -4.16 0.63
CA PRO A 382 17.63 -4.87 -0.15
C PRO A 382 18.64 -3.90 -0.77
N ASP A 383 19.89 -4.31 -0.82
CA ASP A 383 20.93 -3.51 -1.46
C ASP A 383 21.00 -3.93 -2.92
N ARG A 384 19.95 -3.62 -3.67
CA ARG A 384 19.84 -3.95 -5.09
C ARG A 384 19.39 -2.68 -5.79
N PRO A 385 19.80 -2.50 -7.06
CA PRO A 385 19.50 -1.24 -7.77
C PRO A 385 18.02 -1.04 -8.10
N GLY A 386 17.63 0.22 -8.28
CA GLY A 386 16.25 0.53 -8.60
C GLY A 386 15.36 0.22 -7.42
N LEU A 387 14.16 -0.30 -7.70
CA LEU A 387 13.25 -0.72 -6.64
C LEU A 387 13.74 -2.01 -5.98
N GLY A 388 14.73 -2.65 -6.59
CA GLY A 388 15.33 -3.81 -5.97
C GLY A 388 14.47 -5.06 -6.03
N GLU A 389 13.50 -5.08 -6.93
CA GLU A 389 12.70 -6.28 -7.10
C GLU A 389 13.51 -7.31 -7.87
N ASP A 390 13.68 -8.48 -7.27
CA ASP A 390 14.57 -9.51 -7.84
C ASP A 390 13.76 -10.34 -8.83
N ILE A 391 13.61 -9.82 -10.04
CA ILE A 391 12.60 -10.33 -10.96
C ILE A 391 13.03 -11.63 -11.64
N ASP A 392 12.15 -12.62 -11.62
CA ASP A 392 12.42 -13.89 -12.29
C ASP A 392 11.86 -13.79 -13.71
N PHE A 393 12.68 -13.25 -14.62
CA PHE A 393 12.24 -13.03 -16.00
C PHE A 393 11.92 -14.34 -16.71
N THR A 394 12.68 -15.38 -16.38
CA THR A 394 12.46 -16.69 -16.96
C THR A 394 11.08 -17.23 -16.58
N PHE A 395 10.72 -17.10 -15.32
CA PHE A 395 9.39 -17.50 -14.87
C PHE A 395 8.30 -16.76 -15.63
N ILE A 396 8.45 -15.45 -15.75
CA ILE A 396 7.46 -14.64 -16.42
C ILE A 396 7.32 -15.09 -17.88
N ASP A 397 8.45 -15.31 -18.54
CA ASP A 397 8.45 -15.77 -19.92
C ASP A 397 7.76 -17.13 -20.08
N ASN A 398 7.93 -18.00 -19.07
CA ASN A 398 7.35 -19.34 -19.12
C ASN A 398 5.86 -19.39 -18.79
N ASN A 399 5.32 -18.28 -18.30
CA ASN A 399 3.94 -18.24 -17.85
C ASN A 399 3.15 -17.09 -18.46
N ARG A 400 3.55 -16.68 -19.65
CA ARG A 400 2.91 -15.56 -20.34
C ARG A 400 1.47 -15.87 -20.71
N VAL A 401 0.63 -14.85 -20.63
CA VAL A 401 -0.73 -14.98 -21.10
C VAL A 401 -0.74 -14.70 -22.59
N ARG A 402 -1.03 -15.72 -23.38
CA ARG A 402 -1.16 -15.56 -24.82
C ARG A 402 -2.53 -14.96 -25.15
CL CL B . 11.54 -12.65 5.93
CL CL C . 15.74 -14.40 -14.78
CL CL D . -7.68 -2.46 -24.11
CL CL E . 2.66 -14.42 8.02
MG MG F . -6.31 0.90 5.31
MG MG G . -9.23 13.54 18.67
MG MG H . 9.93 -16.09 -4.97
NA NA I . -9.28 17.22 14.24
NA NA J . -11.21 1.24 7.48
#